data_4Z8M
#
_entry.id   4Z8M
#
_cell.length_a   52.392
_cell.length_b   78.035
_cell.length_c   108.751
_cell.angle_alpha   90.00
_cell.angle_beta   90.00
_cell.angle_gamma   90.00
#
_symmetry.space_group_name_H-M   'P 21 2 21'
#
loop_
_entity.id
_entity.type
_entity.pdbx_description
1 polymer 'TNF receptor-associated factor 6'
2 polymer 'Peptide from Mitochondrial antiviral-signaling protein'
#
loop_
_entity_poly.entity_id
_entity_poly.type
_entity_poly.pdbx_seq_one_letter_code
_entity_poly.pdbx_strand_id
1 'polypeptide(L)'
;MAAQQCNGIYIWKIGNFGMHLKCQEEEKPVVIHSPGFYTGKPGYKLCMRLHLQLPTAQRCANYISLFVHTMQGEYDSHLP
WPFQGTIRLTILDQSEAPVRQNHEEIMDAKPELLAFQRPTIPRNPKGFGYVTFMHLEALRQRTFIKDDTLLVRCEVSTRF
DLEHHHHHH
;
A,B
2 'polypeptide(L)' GPCHGPEENEYKSEGTFGI C,D
#
# COMPACT_ATOMS: atom_id res chain seq x y z
N ASN A 7 20.64 -9.88 -12.61
CA ASN A 7 19.36 -9.21 -12.84
C ASN A 7 18.53 -9.91 -13.89
N GLY A 8 17.23 -10.07 -13.60
CA GLY A 8 16.35 -10.68 -14.56
C GLY A 8 15.76 -9.59 -15.42
N ILE A 9 15.61 -9.88 -16.70
CA ILE A 9 15.11 -8.93 -17.66
C ILE A 9 14.04 -9.59 -18.48
N TYR A 10 12.89 -8.94 -18.63
CA TYR A 10 11.87 -9.50 -19.49
C TYR A 10 11.33 -8.42 -20.41
N ILE A 11 11.29 -8.75 -21.70
CA ILE A 11 10.80 -7.81 -22.69
C ILE A 11 9.48 -8.31 -23.23
N TRP A 12 8.44 -7.53 -22.94
CA TRP A 12 7.06 -7.81 -23.24
C TRP A 12 6.76 -7.25 -24.63
N LYS A 13 6.63 -8.12 -25.61
CA LYS A 13 6.26 -7.69 -26.95
C LYS A 13 4.74 -7.57 -27.01
N ILE A 14 4.22 -6.36 -27.09
CA ILE A 14 2.77 -6.13 -27.19
C ILE A 14 2.38 -5.92 -28.65
N GLY A 15 1.93 -6.98 -29.32
CA GLY A 15 1.58 -6.88 -30.73
C GLY A 15 0.24 -6.21 -30.96
N ASN A 16 -0.07 -5.95 -32.24
CA ASN A 16 -1.39 -5.48 -32.65
C ASN A 16 -1.71 -4.11 -32.05
N PHE A 17 -0.69 -3.32 -31.80
CA PHE A 17 -0.87 -2.10 -31.02
C PHE A 17 -1.68 -1.00 -31.70
N GLY A 18 -1.68 -0.97 -33.04
CA GLY A 18 -2.49 0.01 -33.75
C GLY A 18 -3.95 -0.08 -33.37
N MET A 19 -4.42 -1.32 -33.24
CA MET A 19 -5.79 -1.58 -32.85
C MET A 19 -6.09 -0.97 -31.50
N HIS A 20 -5.18 -1.15 -30.54
CA HIS A 20 -5.35 -0.71 -29.16
C HIS A 20 -5.46 0.81 -29.03
N LEU A 21 -4.68 1.53 -29.82
CA LEU A 21 -4.73 2.98 -29.87
C LEU A 21 -6.05 3.45 -30.46
N LYS A 22 -6.55 2.68 -31.41
CA LYS A 22 -7.81 2.97 -32.08
C LYS A 22 -8.99 2.87 -31.10
N CYS A 23 -8.99 1.85 -30.24
CA CYS A 23 -10.08 1.74 -29.29
C CYS A 23 -9.98 2.80 -28.21
N GLN A 24 -8.76 3.22 -27.89
CA GLN A 24 -8.60 4.28 -26.92
C GLN A 24 -9.23 5.56 -27.49
N GLU A 25 -8.99 5.84 -28.78
CA GLU A 25 -9.58 6.99 -29.48
C GLU A 25 -11.09 6.90 -29.51
N GLU A 26 -11.60 5.69 -29.70
CA GLU A 26 -13.04 5.51 -29.73
C GLU A 26 -13.63 5.53 -28.33
N GLU A 27 -12.81 5.91 -27.35
CA GLU A 27 -13.18 5.94 -25.93
C GLU A 27 -13.64 4.57 -25.44
N LYS A 28 -12.91 3.55 -25.86
CA LYS A 28 -13.11 2.19 -25.34
C LYS A 28 -11.97 1.80 -24.40
N PRO A 29 -12.31 1.39 -23.18
CA PRO A 29 -11.24 1.06 -22.20
C PRO A 29 -10.28 0.02 -22.75
N VAL A 30 -8.98 0.24 -22.60
CA VAL A 30 -7.99 -0.73 -23.07
C VAL A 30 -7.18 -1.13 -21.87
N VAL A 31 -7.11 -2.43 -21.57
CA VAL A 31 -6.35 -2.92 -20.41
C VAL A 31 -5.67 -4.24 -20.76
N ILE A 32 -4.36 -4.33 -20.58
CA ILE A 32 -3.64 -5.55 -20.99
C ILE A 32 -2.72 -6.13 -19.91
N HIS A 33 -2.63 -7.45 -19.87
CA HIS A 33 -1.78 -8.13 -18.90
C HIS A 33 -0.70 -8.91 -19.60
N SER A 34 0.49 -8.85 -19.06
CA SER A 34 1.59 -9.59 -19.64
C SER A 34 1.51 -11.06 -19.24
N PRO A 35 2.22 -11.92 -19.96
CA PRO A 35 2.40 -13.26 -19.39
C PRO A 35 3.17 -13.14 -18.08
N GLY A 36 3.20 -14.20 -17.29
CA GLY A 36 3.99 -14.20 -16.08
C GLY A 36 5.42 -14.41 -16.53
N PHE A 37 6.37 -13.98 -15.72
CA PHE A 37 7.75 -14.19 -16.04
C PHE A 37 8.52 -14.24 -14.73
N TYR A 38 9.68 -14.89 -14.73
CA TYR A 38 10.42 -15.05 -13.49
C TYR A 38 11.61 -14.09 -13.42
N THR A 39 11.88 -13.54 -12.24
CA THR A 39 13.03 -12.70 -12.10
C THR A 39 14.34 -13.50 -12.18
N GLY A 40 14.21 -14.83 -12.22
CA GLY A 40 15.34 -15.74 -12.13
C GLY A 40 14.83 -17.15 -11.90
N LYS A 41 15.72 -18.13 -11.79
CA LYS A 41 15.31 -19.51 -11.48
C LYS A 41 16.30 -20.12 -10.53
N PRO A 42 16.03 -20.05 -9.21
CA PRO A 42 14.85 -19.56 -8.51
C PRO A 42 14.72 -18.04 -8.57
N GLY A 43 13.50 -17.53 -8.45
CA GLY A 43 13.22 -16.11 -8.50
C GLY A 43 11.74 -15.84 -8.32
N TYR A 44 11.35 -14.57 -8.30
CA TYR A 44 9.96 -14.18 -8.16
C TYR A 44 9.20 -14.29 -9.46
N LYS A 45 7.90 -14.49 -9.40
CA LYS A 45 7.12 -14.46 -10.62
C LYS A 45 6.33 -13.17 -10.63
N LEU A 46 6.48 -12.38 -11.69
CA LEU A 46 5.81 -11.11 -11.75
C LEU A 46 5.04 -11.07 -13.03
N CYS A 47 4.19 -10.07 -13.18
CA CYS A 47 3.53 -9.80 -14.46
C CYS A 47 3.18 -8.31 -14.51
N MET A 48 2.79 -7.83 -15.69
CA MET A 48 2.56 -6.39 -15.86
C MET A 48 1.18 -6.07 -16.37
N ARG A 49 0.67 -4.95 -15.88
CA ARG A 49 -0.60 -4.39 -16.27
C ARG A 49 -0.33 -3.09 -17.00
N LEU A 50 -0.85 -2.97 -18.22
CA LEU A 50 -0.75 -1.72 -18.96
C LEU A 50 -2.14 -1.29 -19.35
N HIS A 51 -2.48 -0.01 -19.11
CA HIS A 51 -3.76 0.57 -19.52
C HIS A 51 -3.54 1.58 -20.63
N LEU A 52 -4.57 1.83 -21.43
CA LEU A 52 -4.59 3.04 -22.25
C LEU A 52 -5.76 3.85 -21.70
N GLN A 53 -5.45 4.92 -20.98
CA GLN A 53 -6.47 5.71 -20.31
C GLN A 53 -7.33 6.46 -21.29
N LEU A 54 -8.65 6.45 -21.08
CA LEU A 54 -9.59 7.14 -21.97
C LEU A 54 -9.27 8.62 -22.06
N PRO A 55 -9.79 9.30 -23.11
CA PRO A 55 -9.59 10.75 -23.19
C PRO A 55 -10.49 11.52 -22.22
N THR A 56 -11.51 10.84 -21.68
CA THR A 56 -12.49 11.46 -20.80
C THR A 56 -12.18 11.23 -19.32
N ALA A 57 -11.01 10.67 -19.01
CA ALA A 57 -10.67 10.46 -17.61
C ALA A 57 -10.41 11.81 -16.94
N GLN A 58 -10.44 11.82 -15.60
CA GLN A 58 -10.30 13.08 -14.87
C GLN A 58 -8.84 13.45 -14.96
N ARG A 59 -8.01 12.88 -14.08
CA ARG A 59 -6.57 13.06 -14.20
C ARG A 59 -6.12 11.92 -15.12
N CYS A 60 -4.84 11.87 -15.44
CA CYS A 60 -4.28 10.89 -16.37
C CYS A 60 -5.06 10.61 -17.65
N ALA A 61 -5.73 11.59 -18.24
CA ALA A 61 -6.38 11.35 -19.53
C ALA A 61 -5.30 11.22 -20.61
N ASN A 62 -5.48 10.24 -21.49
CA ASN A 62 -4.55 9.99 -22.59
C ASN A 62 -3.15 9.54 -22.16
N TYR A 63 -3.06 9.01 -20.96
CA TYR A 63 -1.79 8.48 -20.47
C TYR A 63 -1.76 6.97 -20.62
N ILE A 64 -0.56 6.43 -20.74
CA ILE A 64 -0.31 5.02 -20.56
C ILE A 64 -0.03 4.73 -19.07
N SER A 65 -0.76 3.77 -18.49
CA SER A 65 -0.49 3.34 -17.13
C SER A 65 0.27 2.02 -17.14
N LEU A 66 1.16 1.81 -16.19
CA LEU A 66 1.94 0.59 -16.21
C LEU A 66 2.17 0.08 -14.78
N PHE A 67 1.80 -1.17 -14.52
CA PHE A 67 1.86 -1.71 -13.17
C PHE A 67 2.45 -3.09 -13.09
N VAL A 68 3.21 -3.33 -12.03
CA VAL A 68 3.81 -4.64 -11.80
C VAL A 68 3.06 -5.41 -10.72
N HIS A 69 2.79 -6.68 -10.97
CA HIS A 69 2.08 -7.52 -10.02
C HIS A 69 2.88 -8.78 -9.68
N THR A 70 2.78 -9.26 -8.44
CA THR A 70 3.41 -10.54 -8.14
C THR A 70 2.41 -11.64 -8.44
N MET A 71 2.91 -12.76 -8.92
CA MET A 71 2.12 -13.95 -9.14
C MET A 71 2.65 -15.09 -8.28
N GLN A 72 1.85 -16.13 -8.07
CA GLN A 72 2.36 -17.33 -7.38
C GLN A 72 3.30 -18.13 -8.27
N GLY A 73 4.46 -18.45 -7.72
CA GLY A 73 5.49 -19.12 -8.49
C GLY A 73 6.08 -20.37 -7.89
N GLU A 74 6.76 -21.15 -8.73
CA GLU A 74 7.39 -22.39 -8.30
C GLU A 74 8.20 -22.23 -7.04
N TYR A 75 8.99 -21.17 -6.96
CA TYR A 75 9.98 -21.02 -5.91
C TYR A 75 9.49 -20.19 -4.72
N ASP A 76 8.19 -19.86 -4.69
CA ASP A 76 7.64 -18.94 -3.69
C ASP A 76 8.05 -19.30 -2.26
N SER A 77 7.96 -20.59 -1.95
CA SER A 77 8.31 -21.13 -0.63
C SER A 77 9.81 -21.08 -0.30
N HIS A 78 10.64 -20.67 -1.25
CA HIS A 78 12.08 -20.62 -0.99
C HIS A 78 12.58 -19.19 -0.89
N LEU A 79 11.80 -18.23 -1.37
CA LEU A 79 12.26 -16.85 -1.43
C LEU A 79 11.92 -16.03 -0.20
N PRO A 80 12.73 -15.00 0.09
CA PRO A 80 12.35 -14.10 1.17
C PRO A 80 11.16 -13.20 0.80
N TRP A 81 10.22 -13.03 1.73
CA TRP A 81 9.09 -12.14 1.53
C TRP A 81 9.00 -11.08 2.61
N PRO A 82 8.62 -9.86 2.25
CA PRO A 82 8.20 -9.43 0.90
C PRO A 82 9.35 -9.28 -0.08
N PHE A 83 9.04 -9.25 -1.38
CA PHE A 83 10.06 -8.91 -2.36
C PHE A 83 10.59 -7.54 -2.00
N GLN A 84 11.90 -7.42 -1.93
CA GLN A 84 12.59 -6.17 -1.68
C GLN A 84 13.57 -5.93 -2.82
N GLY A 85 13.60 -4.72 -3.38
CA GLY A 85 14.49 -4.49 -4.50
C GLY A 85 14.11 -3.35 -5.42
N THR A 86 14.60 -3.41 -6.65
CA THR A 86 14.37 -2.35 -7.60
C THR A 86 13.75 -2.92 -8.87
N ILE A 87 12.76 -2.20 -9.38
CA ILE A 87 12.14 -2.57 -10.63
C ILE A 87 12.32 -1.42 -11.57
N ARG A 88 12.79 -1.71 -12.78
CA ARG A 88 13.05 -0.66 -13.74
C ARG A 88 12.11 -0.94 -14.91
N LEU A 89 11.19 -0.03 -15.16
CA LEU A 89 10.21 -0.23 -16.21
C LEU A 89 10.55 0.67 -17.39
N THR A 90 10.75 0.08 -18.57
CA THR A 90 11.11 0.89 -19.73
C THR A 90 10.27 0.64 -20.96
N ILE A 91 9.79 1.71 -21.59
CA ILE A 91 9.25 1.56 -22.91
C ILE A 91 10.33 1.91 -23.92
N LEU A 92 10.76 0.90 -24.67
CA LEU A 92 11.91 0.97 -25.54
C LEU A 92 11.65 1.74 -26.84
N ASP A 93 12.69 2.46 -27.27
CA ASP A 93 12.75 3.13 -28.56
C ASP A 93 13.25 2.19 -29.65
N GLN A 94 12.52 2.14 -30.77
CA GLN A 94 12.91 1.31 -31.89
C GLN A 94 13.30 2.12 -33.16
N SER A 95 13.60 3.41 -32.97
CA SER A 95 14.12 4.26 -34.03
C SER A 95 15.56 3.83 -34.28
N GLU A 96 16.08 4.07 -35.49
CA GLU A 96 17.44 3.64 -35.77
C GLU A 96 18.41 4.82 -35.60
N ALA A 97 18.81 5.04 -34.36
CA ALA A 97 19.54 6.25 -34.02
C ALA A 97 20.17 6.19 -32.65
N PRO A 98 21.40 5.65 -32.54
CA PRO A 98 22.11 5.78 -31.28
C PRO A 98 22.44 7.25 -31.08
N VAL A 99 22.30 7.78 -29.88
CA VAL A 99 21.77 7.07 -28.72
C VAL A 99 20.23 7.02 -28.73
N ARG A 100 19.66 5.82 -28.59
CA ARG A 100 18.20 5.67 -28.60
C ARG A 100 17.63 6.28 -27.32
N GLN A 101 16.41 6.83 -27.41
CA GLN A 101 15.83 7.53 -26.26
C GLN A 101 14.65 6.79 -25.66
N ASN A 102 15.01 5.88 -24.76
CA ASN A 102 14.03 5.11 -24.01
C ASN A 102 13.34 5.94 -22.96
N HIS A 103 12.08 5.60 -22.71
CA HIS A 103 11.32 6.23 -21.65
C HIS A 103 11.31 5.33 -20.41
N GLU A 104 12.05 5.68 -19.35
CA GLU A 104 12.06 4.74 -18.22
C GLU A 104 11.89 5.39 -16.84
N GLU A 105 11.34 4.62 -15.93
CA GLU A 105 11.16 5.03 -14.54
C GLU A 105 11.69 3.91 -13.69
N ILE A 106 12.41 4.26 -12.63
CA ILE A 106 12.94 3.26 -11.72
C ILE A 106 12.16 3.37 -10.41
N MET A 107 11.61 2.25 -9.96
CA MET A 107 10.82 2.29 -8.73
C MET A 107 11.37 1.35 -7.70
N ASP A 108 11.32 1.80 -6.44
CA ASP A 108 11.87 1.06 -5.30
C ASP A 108 10.86 0.16 -4.57
N ALA A 109 11.14 -1.15 -4.52
CA ALA A 109 10.30 -2.07 -3.72
C ALA A 109 10.62 -1.93 -2.23
N LYS A 110 9.71 -1.29 -1.51
CA LYS A 110 9.80 -1.09 -0.07
C LYS A 110 9.09 -2.23 0.69
N PRO A 111 9.72 -2.75 1.75
CA PRO A 111 9.04 -3.84 2.47
C PRO A 111 7.66 -3.46 3.05
N GLU A 112 7.37 -2.17 3.22
CA GLU A 112 6.11 -1.73 3.83
C GLU A 112 4.89 -1.89 2.93
N LEU A 113 5.08 -2.35 1.70
CA LEU A 113 3.95 -2.44 0.80
C LEU A 113 3.28 -3.80 0.84
N LEU A 114 1.98 -3.82 0.56
CA LEU A 114 1.25 -5.08 0.40
C LEU A 114 1.49 -5.71 -0.97
N ALA A 115 1.79 -4.89 -1.97
CA ALA A 115 1.89 -5.37 -3.35
C ALA A 115 2.93 -6.47 -3.55
N PHE A 116 3.96 -6.50 -2.72
CA PHE A 116 5.03 -7.49 -2.92
C PHE A 116 5.11 -8.53 -1.80
N GLN A 117 4.07 -8.56 -0.98
CA GLN A 117 3.93 -9.62 -0.01
C GLN A 117 3.70 -10.92 -0.75
N ARG A 118 3.87 -12.03 -0.03
CA ARG A 118 3.77 -13.32 -0.69
C ARG A 118 2.39 -13.52 -1.27
N PRO A 119 2.31 -13.76 -2.58
CA PRO A 119 1.00 -13.88 -3.19
C PRO A 119 0.33 -15.22 -2.83
N THR A 120 -0.99 -15.18 -2.64
CA THR A 120 -1.75 -16.36 -2.22
C THR A 120 -2.79 -16.73 -3.27
N ILE A 121 -3.10 -15.77 -4.12
CA ILE A 121 -3.91 -15.96 -5.30
C ILE A 121 -2.98 -16.05 -6.51
N PRO A 122 -3.39 -16.76 -7.58
CA PRO A 122 -2.53 -16.84 -8.76
C PRO A 122 -1.92 -15.47 -9.19
N ARG A 123 -2.74 -14.41 -9.28
CA ARG A 123 -2.24 -13.08 -9.63
C ARG A 123 -2.74 -12.02 -8.66
N ASN A 124 -1.84 -11.51 -7.83
CA ASN A 124 -2.15 -10.49 -6.84
C ASN A 124 -2.78 -9.26 -7.45
N PRO A 125 -4.02 -8.90 -7.07
CA PRO A 125 -4.64 -7.73 -7.73
C PRO A 125 -3.95 -6.43 -7.32
N LYS A 126 -3.28 -6.46 -6.17
CA LYS A 126 -2.56 -5.29 -5.72
C LYS A 126 -1.27 -5.20 -6.52
N GLY A 127 -1.15 -4.13 -7.27
CA GLY A 127 -0.01 -3.94 -8.15
C GLY A 127 0.66 -2.65 -7.80
N PHE A 128 1.80 -2.39 -8.41
CA PHE A 128 2.62 -1.27 -8.02
C PHE A 128 3.19 -0.64 -9.26
N GLY A 129 2.97 0.64 -9.46
CA GLY A 129 3.44 1.25 -10.67
C GLY A 129 2.96 2.66 -10.89
N TYR A 130 2.92 3.05 -12.15
CA TYR A 130 2.66 4.42 -12.51
C TYR A 130 1.33 4.61 -13.21
N VAL A 131 0.47 5.44 -12.64
CA VAL A 131 -0.75 5.78 -13.36
C VAL A 131 -0.40 6.63 -14.58
N THR A 132 0.51 7.58 -14.41
CA THR A 132 0.93 8.43 -15.55
C THR A 132 2.29 8.07 -16.08
N PHE A 133 2.45 6.86 -16.62
CA PHE A 133 3.77 6.43 -17.03
C PHE A 133 4.31 7.21 -18.21
N MET A 134 3.51 7.34 -19.26
CA MET A 134 3.96 8.00 -20.47
C MET A 134 2.78 8.54 -21.24
N HIS A 135 2.84 9.80 -21.66
CA HIS A 135 1.76 10.37 -22.43
C HIS A 135 1.70 9.80 -23.86
N LEU A 136 0.49 9.49 -24.32
CA LEU A 136 0.30 8.92 -25.64
C LEU A 136 0.90 9.79 -26.73
N GLU A 137 0.83 11.11 -26.55
CA GLU A 137 1.36 12.02 -27.55
C GLU A 137 2.89 11.98 -27.61
N ALA A 138 3.53 11.10 -26.84
CA ALA A 138 4.98 10.89 -26.96
C ALA A 138 5.26 9.71 -27.88
N LEU A 139 4.24 8.93 -28.20
CA LEU A 139 4.40 7.79 -29.09
C LEU A 139 4.40 8.28 -30.51
N ARG A 140 3.81 9.45 -30.73
CA ARG A 140 3.69 9.96 -32.07
C ARG A 140 4.91 10.78 -32.43
N GLN A 141 5.92 10.72 -31.57
CA GLN A 141 7.09 11.57 -31.71
C GLN A 141 8.39 10.79 -31.72
N ARG A 142 8.28 9.47 -31.66
CA ARG A 142 9.43 8.59 -31.78
C ARG A 142 8.98 7.27 -32.36
N THR A 143 9.91 6.52 -32.91
CA THR A 143 9.57 5.19 -33.34
C THR A 143 9.53 4.29 -32.10
N PHE A 144 8.46 4.39 -31.32
CA PHE A 144 8.23 3.48 -30.22
C PHE A 144 7.49 2.25 -30.72
N ILE A 145 6.66 2.45 -31.73
CA ILE A 145 5.95 1.35 -32.36
C ILE A 145 6.62 0.99 -33.67
N LYS A 146 6.98 -0.29 -33.80
CA LYS A 146 7.63 -0.78 -35.00
C LYS A 146 7.06 -2.14 -35.34
N ASP A 147 6.60 -2.28 -36.59
CA ASP A 147 5.94 -3.50 -37.05
C ASP A 147 4.70 -3.73 -36.21
N ASP A 148 4.05 -2.62 -35.88
CA ASP A 148 2.79 -2.56 -35.14
C ASP A 148 2.95 -3.09 -33.70
N THR A 149 4.18 -3.13 -33.21
CA THR A 149 4.52 -3.75 -31.93
C THR A 149 5.18 -2.78 -30.93
N LEU A 150 4.75 -2.82 -29.68
CA LEU A 150 5.36 -2.02 -28.62
C LEU A 150 6.20 -2.88 -27.68
N LEU A 151 7.36 -2.37 -27.25
CA LEU A 151 8.28 -3.12 -26.38
C LEU A 151 8.34 -2.55 -24.98
N VAL A 152 7.90 -3.34 -24.00
CA VAL A 152 7.93 -2.92 -22.61
C VAL A 152 8.96 -3.77 -21.91
N ARG A 153 10.03 -3.16 -21.43
CA ARG A 153 11.09 -3.92 -20.78
C ARG A 153 10.96 -3.80 -19.25
N CYS A 154 11.12 -4.93 -18.58
CA CYS A 154 11.05 -5.00 -17.13
C CYS A 154 12.34 -5.65 -16.64
N GLU A 155 13.13 -4.88 -15.90
CA GLU A 155 14.40 -5.36 -15.38
C GLU A 155 14.35 -5.30 -13.86
N VAL A 156 14.54 -6.46 -13.23
CA VAL A 156 14.40 -6.55 -11.78
C VAL A 156 15.70 -6.81 -11.06
N SER A 157 15.97 -5.98 -10.09
CA SER A 157 17.17 -6.02 -9.27
C SER A 157 16.83 -6.35 -7.81
N THR A 158 17.60 -7.22 -7.15
CA THR A 158 17.31 -7.62 -5.77
C THR A 158 18.49 -7.48 -4.81
N ASN B 7 -4.12 19.71 15.00
CA ASN B 7 -4.03 18.28 15.23
C ASN B 7 -5.27 17.74 15.97
N GLY B 8 -5.81 16.62 15.48
CA GLY B 8 -6.94 15.94 16.09
C GLY B 8 -6.51 14.90 17.10
N ILE B 9 -7.29 14.72 18.16
CA ILE B 9 -6.92 13.77 19.21
C ILE B 9 -8.08 12.89 19.61
N TYR B 10 -7.85 11.58 19.64
CA TYR B 10 -8.89 10.66 20.08
C TYR B 10 -8.29 9.66 21.06
N ILE B 11 -8.94 9.49 22.21
CA ILE B 11 -8.49 8.52 23.18
C ILE B 11 -9.48 7.37 23.24
N TRP B 12 -8.99 6.18 22.87
CA TRP B 12 -9.77 4.95 22.78
C TRP B 12 -9.72 4.19 24.11
N LYS B 13 -10.79 4.24 24.90
CA LYS B 13 -10.85 3.48 26.15
C LYS B 13 -11.32 2.07 25.82
N ILE B 14 -10.40 1.11 25.95
CA ILE B 14 -10.70 -0.30 25.69
C ILE B 14 -10.94 -1.00 27.01
N GLY B 15 -12.21 -1.10 27.39
CA GLY B 15 -12.62 -1.70 28.65
C GLY B 15 -12.51 -3.20 28.58
N ASN B 16 -12.77 -3.85 29.71
CA ASN B 16 -12.89 -5.30 29.78
C ASN B 16 -11.60 -5.97 29.32
N PHE B 17 -10.49 -5.28 29.55
CA PHE B 17 -9.21 -5.72 29.02
C PHE B 17 -8.68 -6.97 29.72
N GLY B 18 -9.08 -7.17 30.97
CA GLY B 18 -8.72 -8.36 31.71
C GLY B 18 -9.19 -9.58 30.95
N MET B 19 -10.39 -9.48 30.38
CA MET B 19 -10.96 -10.54 29.57
C MET B 19 -10.08 -10.89 28.38
N HIS B 20 -9.63 -9.86 27.65
CA HIS B 20 -8.88 -10.06 26.42
C HIS B 20 -7.50 -10.73 26.60
N LEU B 21 -6.80 -10.41 27.67
CA LEU B 21 -5.53 -11.10 27.94
C LEU B 21 -5.77 -12.58 28.22
N LYS B 22 -6.93 -12.91 28.77
CA LYS B 22 -7.22 -14.29 29.09
C LYS B 22 -7.20 -15.17 27.84
N CYS B 23 -7.80 -14.68 26.76
CA CYS B 23 -7.86 -15.45 25.51
C CYS B 23 -6.45 -15.55 24.91
N GLN B 24 -5.63 -14.56 25.24
CA GLN B 24 -4.23 -14.59 24.86
C GLN B 24 -3.52 -15.81 25.45
N GLU B 25 -3.72 -16.05 26.73
CA GLU B 25 -3.12 -17.21 27.37
C GLU B 25 -3.68 -18.51 26.79
N GLU B 26 -5.00 -18.54 26.54
CA GLU B 26 -5.69 -19.72 26.02
C GLU B 26 -5.51 -19.95 24.52
N GLU B 27 -4.59 -19.20 23.92
CA GLU B 27 -4.28 -19.29 22.50
C GLU B 27 -5.53 -19.12 21.61
N LYS B 28 -6.44 -18.24 22.02
CA LYS B 28 -7.58 -17.86 21.18
C LYS B 28 -7.39 -16.43 20.66
N PRO B 29 -7.46 -16.27 19.33
CA PRO B 29 -7.19 -15.00 18.63
C PRO B 29 -8.00 -13.82 19.15
N VAL B 30 -7.34 -12.68 19.36
CA VAL B 30 -8.00 -11.48 19.88
C VAL B 30 -7.88 -10.26 18.95
N VAL B 31 -9.01 -9.66 18.60
CA VAL B 31 -9.05 -8.49 17.72
C VAL B 31 -10.12 -7.51 18.16
N ILE B 32 -9.75 -6.24 18.28
CA ILE B 32 -10.66 -5.19 18.73
C ILE B 32 -10.66 -4.01 17.73
N HIS B 33 -11.81 -3.40 17.48
CA HIS B 33 -11.86 -2.26 16.57
C HIS B 33 -12.36 -1.02 17.29
N SER B 34 -11.70 0.11 17.07
CA SER B 34 -12.10 1.31 17.76
C SER B 34 -13.34 1.88 17.08
N PRO B 35 -14.06 2.78 17.77
CA PRO B 35 -15.07 3.55 17.06
C PRO B 35 -14.39 4.37 15.97
N GLY B 36 -15.15 4.92 15.04
CA GLY B 36 -14.58 5.85 14.09
C GLY B 36 -14.37 7.20 14.75
N PHE B 37 -13.47 8.02 14.22
CA PHE B 37 -13.26 9.36 14.74
C PHE B 37 -12.68 10.28 13.67
N TYR B 38 -12.85 11.60 13.85
CA TYR B 38 -12.39 12.59 12.89
C TYR B 38 -11.12 13.35 13.30
N THR B 39 -10.23 13.58 12.34
CA THR B 39 -9.03 14.38 12.57
C THR B 39 -9.39 15.86 12.73
N GLY B 40 -10.63 16.19 12.45
CA GLY B 40 -11.08 17.56 12.42
C GLY B 40 -12.41 17.63 11.71
N LYS B 41 -13.02 18.81 11.68
CA LYS B 41 -14.27 19.05 10.97
C LYS B 41 -14.11 20.42 10.35
N PRO B 42 -13.71 20.45 9.07
CA PRO B 42 -13.51 19.30 8.17
C PRO B 42 -12.29 18.44 8.51
N GLY B 43 -12.32 17.16 8.17
CA GLY B 43 -11.17 16.32 8.41
C GLY B 43 -11.37 14.88 7.99
N TYR B 44 -10.29 14.11 8.09
CA TYR B 44 -10.31 12.72 7.70
C TYR B 44 -10.99 11.89 8.77
N LYS B 45 -11.60 10.77 8.39
CA LYS B 45 -12.17 9.88 9.37
C LYS B 45 -11.31 8.63 9.48
N LEU B 46 -10.86 8.35 10.70
CA LEU B 46 -9.96 7.22 10.94
C LEU B 46 -10.53 6.30 11.96
N CYS B 47 -9.92 5.12 12.07
CA CYS B 47 -10.26 4.21 13.16
C CYS B 47 -9.05 3.30 13.44
N MET B 48 -9.08 2.56 14.54
CA MET B 48 -7.94 1.74 14.92
C MET B 48 -8.26 0.28 15.14
N ARG B 49 -7.32 -0.56 14.74
CA ARG B 49 -7.39 -2.01 14.87
C ARG B 49 -6.33 -2.46 15.86
N LEU B 50 -6.73 -3.21 16.88
CA LEU B 50 -5.76 -3.73 17.84
C LEU B 50 -5.82 -5.24 17.89
N HIS B 51 -4.67 -5.89 17.78
CA HIS B 51 -4.57 -7.33 17.92
C HIS B 51 -3.80 -7.70 19.16
N LEU B 52 -4.07 -8.89 19.69
CA LEU B 52 -3.18 -9.54 20.64
C LEU B 52 -2.64 -10.82 20.03
N GLN B 53 -1.38 -10.78 19.60
CA GLN B 53 -0.79 -11.90 18.90
C GLN B 53 -0.65 -13.08 19.85
N LEU B 54 -1.06 -14.26 19.38
CA LEU B 54 -0.96 -15.50 20.16
C LEU B 54 0.49 -15.78 20.56
N PRO B 55 0.69 -16.66 21.56
CA PRO B 55 2.08 -17.05 21.87
C PRO B 55 2.66 -17.97 20.79
N THR B 56 1.82 -18.46 19.88
CA THR B 56 2.25 -19.39 18.84
C THR B 56 2.53 -18.72 17.49
N ALA B 57 2.57 -17.38 17.48
CA ALA B 57 2.88 -16.62 16.27
C ALA B 57 4.36 -16.71 15.88
N GLN B 58 4.67 -16.33 14.65
CA GLN B 58 6.03 -16.52 14.15
C GLN B 58 7.04 -15.47 14.65
N ARG B 59 7.11 -14.34 13.95
CA ARG B 59 8.05 -13.28 14.33
C ARG B 59 7.46 -12.24 15.28
N CYS B 60 6.26 -12.51 15.78
CA CYS B 60 5.56 -11.50 16.57
C CYS B 60 4.69 -12.04 17.69
N ALA B 61 5.10 -13.14 18.31
CA ALA B 61 4.34 -13.74 19.41
C ALA B 61 4.34 -12.83 20.64
N ASN B 62 3.20 -12.75 21.32
CA ASN B 62 3.05 -11.95 22.53
C ASN B 62 3.15 -10.43 22.33
N TYR B 63 2.95 -9.97 21.12
CA TYR B 63 3.02 -8.54 20.90
C TYR B 63 1.63 -7.95 20.79
N ILE B 64 1.52 -6.68 21.14
CA ILE B 64 0.32 -5.93 20.79
C ILE B 64 0.56 -5.35 19.40
N SER B 65 -0.35 -5.62 18.49
CA SER B 65 -0.29 -5.05 17.15
C SER B 65 -1.28 -3.90 17.12
N LEU B 66 -0.98 -2.84 16.38
CA LEU B 66 -1.84 -1.68 16.36
C LEU B 66 -1.86 -0.98 15.00
N PHE B 67 -3.06 -0.78 14.45
CA PHE B 67 -3.17 -0.24 13.08
C PHE B 67 -4.17 0.89 12.90
N VAL B 68 -3.87 1.83 12.02
CA VAL B 68 -4.80 2.90 11.74
C VAL B 68 -5.45 2.64 10.39
N HIS B 69 -6.75 2.86 10.30
CA HIS B 69 -7.52 2.70 9.08
C HIS B 69 -8.25 3.98 8.73
N THR B 70 -8.41 4.24 7.43
CA THR B 70 -9.24 5.35 6.96
C THR B 70 -10.67 4.87 6.84
N MET B 71 -11.61 5.74 7.19
CA MET B 71 -13.02 5.47 6.97
C MET B 71 -13.61 6.51 6.02
N GLN B 72 -14.75 6.16 5.44
CA GLN B 72 -15.52 7.10 4.63
C GLN B 72 -16.11 8.15 5.54
N GLY B 73 -15.82 9.42 5.23
CA GLY B 73 -16.26 10.52 6.07
C GLY B 73 -17.00 11.58 5.28
N GLU B 74 -17.78 12.37 6.00
CA GLU B 74 -18.59 13.42 5.42
C GLU B 74 -17.78 14.35 4.48
N TYR B 75 -16.57 14.73 4.89
CA TYR B 75 -15.84 15.80 4.19
C TYR B 75 -14.93 15.27 3.09
N ASP B 76 -15.05 13.98 2.79
CA ASP B 76 -14.11 13.32 1.90
C ASP B 76 -13.89 14.05 0.57
N SER B 77 -14.98 14.45 -0.07
CA SER B 77 -14.88 15.09 -1.37
C SER B 77 -14.21 16.46 -1.31
N HIS B 78 -13.92 16.96 -0.12
CA HIS B 78 -13.26 18.26 0.00
C HIS B 78 -11.80 18.18 0.44
N LEU B 79 -11.38 17.03 0.97
CA LEU B 79 -10.02 16.88 1.45
C LEU B 79 -9.12 16.35 0.34
N PRO B 80 -7.81 16.64 0.43
CA PRO B 80 -6.84 16.08 -0.52
C PRO B 80 -6.56 14.60 -0.29
N TRP B 81 -6.49 13.84 -1.37
CA TRP B 81 -6.14 12.42 -1.34
C TRP B 81 -4.93 12.14 -2.24
N PRO B 82 -4.02 11.27 -1.81
CA PRO B 82 -4.06 10.44 -0.60
C PRO B 82 -3.88 11.24 0.67
N PHE B 83 -4.22 10.64 1.81
CA PHE B 83 -3.99 11.31 3.07
C PHE B 83 -2.50 11.59 3.23
N GLN B 84 -2.16 12.82 3.60
CA GLN B 84 -0.77 13.17 3.89
C GLN B 84 -0.68 13.72 5.29
N GLY B 85 0.30 13.26 6.06
CA GLY B 85 0.45 13.76 7.40
C GLY B 85 1.16 12.83 8.34
N THR B 86 1.02 13.10 9.63
CA THR B 86 1.77 12.38 10.65
C THR B 86 0.80 11.79 11.63
N ILE B 87 1.03 10.53 11.98
CA ILE B 87 0.21 9.84 12.95
C ILE B 87 1.02 9.39 14.14
N ARG B 88 0.53 9.69 15.33
CA ARG B 88 1.26 9.37 16.53
C ARG B 88 0.40 8.45 17.38
N LEU B 89 0.84 7.22 17.54
CA LEU B 89 0.06 6.21 18.24
C LEU B 89 0.65 5.96 19.61
N THR B 90 -0.14 6.17 20.65
CA THR B 90 0.38 6.04 22.01
C THR B 90 -0.48 5.10 22.83
N ILE B 91 0.18 4.26 23.59
CA ILE B 91 -0.50 3.58 24.67
C ILE B 91 -0.15 4.34 25.94
N LEU B 92 -1.17 4.94 26.58
CA LEU B 92 -0.96 5.82 27.74
C LEU B 92 -0.63 5.05 29.02
N ASP B 93 0.26 5.63 29.82
CA ASP B 93 0.58 5.10 31.15
C ASP B 93 -0.43 5.69 32.15
N GLN B 94 -1.04 4.84 32.95
CA GLN B 94 -2.05 5.34 33.87
C GLN B 94 -1.53 5.36 35.31
N SER B 95 -0.21 5.45 35.44
CA SER B 95 0.44 5.59 36.73
C SER B 95 0.10 6.95 37.34
N GLU B 96 0.01 6.97 38.67
CA GLU B 96 -0.32 8.17 39.44
C GLU B 96 0.93 8.75 40.09
N ALA B 97 1.60 9.70 39.44
CA ALA B 97 1.09 10.47 38.31
C ALA B 97 2.20 11.20 37.54
N PRO B 98 3.17 11.84 38.23
CA PRO B 98 4.30 12.40 37.49
C PRO B 98 5.19 11.34 36.84
N VAL B 99 5.13 10.12 37.37
CA VAL B 99 6.00 9.04 36.96
C VAL B 99 5.53 8.33 35.67
N ARG B 100 4.76 9.02 34.83
CA ARG B 100 4.23 8.36 33.63
C ARG B 100 5.25 8.22 32.51
N GLN B 101 5.23 7.08 31.85
CA GLN B 101 6.06 6.87 30.67
C GLN B 101 5.20 6.24 29.56
N ASN B 102 4.60 7.06 28.73
CA ASN B 102 3.79 6.53 27.66
C ASN B 102 4.67 5.82 26.65
N HIS B 103 4.14 4.73 26.08
CA HIS B 103 4.81 3.96 25.03
C HIS B 103 4.32 4.42 23.69
N GLU B 104 5.11 5.17 22.94
CA GLU B 104 4.56 5.68 21.69
C GLU B 104 5.43 5.61 20.43
N GLU B 105 4.76 5.65 19.29
CA GLU B 105 5.41 5.61 18.00
C GLU B 105 4.88 6.71 17.10
N ILE B 106 5.77 7.36 16.36
CA ILE B 106 5.32 8.33 15.37
C ILE B 106 5.53 7.83 13.95
N MET B 107 4.47 7.78 13.16
CA MET B 107 4.61 7.32 11.78
C MET B 107 4.16 8.31 10.70
N ASP B 108 4.88 8.31 9.60
CA ASP B 108 4.59 9.14 8.43
C ASP B 108 3.70 8.44 7.47
N ALA B 109 2.56 9.06 7.17
CA ALA B 109 1.67 8.52 6.18
C ALA B 109 2.36 8.61 4.83
N LYS B 110 2.69 7.45 4.24
CA LYS B 110 3.28 7.44 2.92
C LYS B 110 2.12 7.41 1.93
N PRO B 111 2.08 8.39 1.03
CA PRO B 111 1.01 8.51 0.03
C PRO B 111 0.94 7.36 -0.99
N GLU B 112 2.02 6.61 -1.13
CA GLU B 112 2.08 5.56 -2.14
C GLU B 112 1.27 4.30 -1.77
N LEU B 113 0.68 4.28 -0.59
CA LEU B 113 -0.02 3.11 -0.06
C LEU B 113 -1.52 3.13 -0.29
N LEU B 114 -2.16 1.96 -0.34
CA LEU B 114 -3.61 1.89 -0.53
C LEU B 114 -4.31 2.36 0.74
N ALA B 115 -3.64 2.21 1.86
CA ALA B 115 -4.20 2.57 3.14
C ALA B 115 -4.54 4.07 3.23
N PHE B 116 -3.89 4.91 2.43
CA PHE B 116 -4.16 6.34 2.55
C PHE B 116 -4.85 6.89 1.31
N GLN B 117 -5.16 6.00 0.39
CA GLN B 117 -5.98 6.40 -0.71
C GLN B 117 -7.42 6.46 -0.22
N ARG B 118 -8.27 7.18 -0.96
CA ARG B 118 -9.65 7.42 -0.58
C ARG B 118 -10.43 6.11 -0.48
N PRO B 119 -11.08 5.88 0.67
CA PRO B 119 -11.82 4.62 0.84
C PRO B 119 -13.12 4.63 0.08
N THR B 120 -13.53 3.48 -0.46
CA THR B 120 -14.76 3.38 -1.24
C THR B 120 -15.74 2.49 -0.52
N ILE B 121 -15.21 1.69 0.40
CA ILE B 121 -15.99 0.94 1.35
C ILE B 121 -15.92 1.69 2.70
N PRO B 122 -16.97 1.60 3.53
CA PRO B 122 -17.04 2.29 4.84
C PRO B 122 -15.75 2.24 5.71
N ARG B 123 -15.10 1.09 5.80
CA ARG B 123 -13.83 1.01 6.53
C ARG B 123 -12.81 0.35 5.63
N ASN B 124 -11.78 1.10 5.23
CA ASN B 124 -10.72 0.56 4.38
C ASN B 124 -10.10 -0.68 5.00
N PRO B 125 -10.19 -1.84 4.32
CA PRO B 125 -9.65 -3.02 5.00
C PRO B 125 -8.12 -2.99 5.08
N LYS B 126 -7.50 -2.29 4.13
CA LYS B 126 -6.06 -2.13 4.13
C LYS B 126 -5.69 -1.01 5.10
N GLY B 127 -4.87 -1.34 6.11
CA GLY B 127 -4.48 -0.41 7.17
C GLY B 127 -2.98 -0.20 7.31
N PHE B 128 -2.57 0.68 8.21
CA PHE B 128 -1.16 1.02 8.33
C PHE B 128 -0.77 1.14 9.81
N GLY B 129 0.26 0.41 10.25
CA GLY B 129 0.61 0.45 11.65
C GLY B 129 1.69 -0.55 12.03
N TYR B 130 1.74 -0.91 13.32
CA TYR B 130 2.82 -1.73 13.83
C TYR B 130 2.35 -3.11 14.27
N VAL B 131 2.89 -4.15 13.64
CA VAL B 131 2.65 -5.51 14.08
C VAL B 131 3.34 -5.74 15.44
N THR B 132 4.55 -5.23 15.61
CA THR B 132 5.18 -5.35 16.91
C THR B 132 5.18 -4.05 17.69
N PHE B 133 4.00 -3.54 17.99
CA PHE B 133 3.92 -2.25 18.62
C PHE B 133 4.53 -2.27 20.02
N MET B 134 4.13 -3.24 20.82
CA MET B 134 4.58 -3.35 22.21
C MET B 134 4.42 -4.79 22.71
N HIS B 135 5.47 -5.33 23.33
CA HIS B 135 5.41 -6.68 23.87
C HIS B 135 4.47 -6.79 25.07
N LEU B 136 3.70 -7.86 25.13
CA LEU B 136 2.73 -8.08 26.22
C LEU B 136 3.36 -8.03 27.57
N GLU B 137 4.57 -8.59 27.68
CA GLU B 137 5.31 -8.61 28.93
C GLU B 137 5.83 -7.23 29.32
N ALA B 138 5.40 -6.20 28.59
CA ALA B 138 5.67 -4.81 28.96
C ALA B 138 4.48 -4.25 29.69
N LEU B 139 3.37 -4.97 29.66
CA LEU B 139 2.19 -4.52 30.38
C LEU B 139 2.36 -4.83 31.85
N ARG B 140 3.20 -5.81 32.14
CA ARG B 140 3.39 -6.27 33.50
C ARG B 140 4.48 -5.46 34.19
N GLN B 141 4.93 -4.38 33.55
CA GLN B 141 6.05 -3.64 34.09
C GLN B 141 5.72 -2.16 34.30
N ARG B 142 4.52 -1.77 33.88
CA ARG B 142 3.97 -0.44 34.13
C ARG B 142 2.46 -0.51 34.23
N THR B 143 1.86 0.45 34.90
CA THR B 143 0.40 0.50 35.00
C THR B 143 -0.22 1.03 33.72
N PHE B 144 -0.25 0.19 32.70
CA PHE B 144 -0.92 0.57 31.47
C PHE B 144 -2.39 0.24 31.61
N ILE B 145 -2.68 -0.79 32.39
CA ILE B 145 -4.06 -1.18 32.70
C ILE B 145 -4.50 -0.70 34.10
N LYS B 146 -5.57 0.07 34.16
CA LYS B 146 -6.12 0.54 35.42
C LYS B 146 -7.63 0.50 35.28
N ASP B 147 -8.30 -0.15 36.23
CA ASP B 147 -9.75 -0.42 36.17
C ASP B 147 -10.14 -1.31 35.01
N ASP B 148 -9.32 -2.33 34.72
CA ASP B 148 -9.65 -3.32 33.69
C ASP B 148 -9.67 -2.64 32.29
N THR B 149 -9.07 -1.44 32.19
CA THR B 149 -9.17 -0.63 30.96
C THR B 149 -7.80 -0.23 30.40
N LEU B 150 -7.65 -0.38 29.08
CA LEU B 150 -6.47 0.07 28.37
C LEU B 150 -6.74 1.34 27.57
N LEU B 151 -5.78 2.25 27.56
CA LEU B 151 -5.94 3.51 26.84
C LEU B 151 -5.01 3.67 25.64
N VAL B 152 -5.58 3.78 24.46
CA VAL B 152 -4.81 3.99 23.24
C VAL B 152 -5.09 5.37 22.66
N ARG B 153 -4.10 6.24 22.62
CA ARG B 153 -4.30 7.61 22.16
C ARG B 153 -3.84 7.75 20.72
N CYS B 154 -4.61 8.47 19.93
CA CYS B 154 -4.30 8.64 18.53
C CYS B 154 -4.31 10.11 18.18
N GLU B 155 -3.16 10.66 17.81
CA GLU B 155 -3.06 12.07 17.47
C GLU B 155 -2.59 12.21 16.04
N VAL B 156 -3.41 12.85 15.21
CA VAL B 156 -3.10 12.98 13.80
C VAL B 156 -2.84 14.41 13.43
N SER B 157 -1.71 14.70 12.79
CA SER B 157 -1.43 16.06 12.33
C SER B 157 -1.35 16.07 10.81
N THR B 158 -2.10 16.97 10.20
CA THR B 158 -2.12 17.09 8.75
C THR B 158 -2.07 18.59 8.38
N ARG B 159 -1.81 18.91 7.12
CA ARG B 159 -1.85 20.31 6.68
C ARG B 159 -2.58 20.47 5.35
N PHE B 160 -3.65 21.25 5.34
CA PHE B 160 -4.37 21.56 4.10
C PHE B 160 -5.26 22.80 4.26
N ASP B 161 -5.84 23.26 3.15
CA ASP B 161 -6.63 24.50 3.11
C ASP B 161 -8.12 24.28 2.82
N LEU B 162 -8.54 24.68 1.62
CA LEU B 162 -9.94 24.51 1.21
C LEU B 162 -10.11 24.52 -0.32
N GLU B 163 -9.76 23.41 -0.97
CA GLU B 163 -10.09 23.19 -2.38
C GLU B 163 -11.57 22.82 -2.49
N HIS B 164 -12.43 23.83 -2.33
CA HIS B 164 -13.85 23.68 -2.05
C HIS B 164 -14.06 23.03 -0.67
N HIS C 4 5.84 12.89 -11.43
CA HIS C 4 5.29 11.54 -11.48
C HIS C 4 6.04 10.57 -10.55
N GLY C 5 5.35 10.07 -9.52
CA GLY C 5 5.88 9.02 -8.66
C GLY C 5 5.00 7.76 -8.67
N PRO C 6 5.54 6.61 -8.23
CA PRO C 6 4.83 5.32 -8.18
C PRO C 6 3.79 5.22 -7.06
N GLU C 7 2.78 4.36 -7.22
CA GLU C 7 1.79 4.12 -6.18
C GLU C 7 1.21 2.70 -6.30
N GLU C 8 0.80 2.14 -5.16
CA GLU C 8 0.06 0.89 -5.18
C GLU C 8 -1.25 1.13 -5.86
N ASN C 9 -1.78 0.10 -6.50
CA ASN C 9 -2.94 0.29 -7.34
C ASN C 9 -3.61 -1.05 -7.58
N GLU C 10 -4.86 -1.18 -7.13
CA GLU C 10 -5.57 -2.45 -7.17
C GLU C 10 -6.51 -2.49 -8.38
N TYR C 11 -6.74 -3.70 -8.90
CA TYR C 11 -7.59 -3.92 -10.09
C TYR C 11 -8.49 -5.17 -9.91
N LYS C 12 -9.81 -5.05 -10.11
CA LYS C 12 -10.49 -3.88 -10.68
C LYS C 12 -10.93 -2.93 -9.58
N GLY D 5 9.74 -1.04 12.02
CA GLY D 5 9.06 0.00 11.25
C GLY D 5 7.61 -0.34 10.95
N PRO D 6 6.79 0.68 10.62
CA PRO D 6 5.37 0.53 10.25
C PRO D 6 5.19 -0.01 8.84
N GLU D 7 4.30 -0.99 8.69
CA GLU D 7 4.05 -1.57 7.39
C GLU D 7 2.54 -1.64 7.13
N GLU D 8 2.16 -1.61 5.86
CA GLU D 8 0.77 -1.75 5.47
C GLU D 8 0.33 -3.15 5.85
N ASN D 9 -0.94 -3.31 6.18
CA ASN D 9 -1.46 -4.55 6.72
C ASN D 9 -2.96 -4.64 6.46
N GLU D 10 -3.43 -5.78 5.95
CA GLU D 10 -4.86 -5.95 5.63
C GLU D 10 -5.57 -6.93 6.56
N TYR D 11 -6.75 -6.54 7.02
CA TYR D 11 -7.52 -7.34 7.96
C TYR D 11 -8.38 -8.41 7.27
#